data_3DD3
#
_entry.id   3DD3
#
_cell.length_a   76.69
_cell.length_b   89.54
_cell.length_c   68.99
_cell.angle_alpha   90.00
_cell.angle_beta   97.81
_cell.angle_gamma   90.00
#
_symmetry.space_group_name_H-M   'C 1 2 1'
#
loop_
_entity.id
_entity.type
_entity.pdbx_description
1 polymer 'Glutathione S-transferase P'
2 non-polymer '2-(N-MORPHOLINO)-ETHANESULFONIC ACID'
3 non-polymer (eta6-benzene)ruthenium
4 non-polymer GLUTATHIONE
5 water water
#
_entity_poly.entity_id   1
_entity_poly.type   'polypeptide(L)'
_entity_poly.pdbx_seq_one_letter_code
;MPPYTVVYFPVRGRCAALRMLLADQGQSWKEEVVTVETWQEGSLKASCLYGQLPKFQDGDLTLYQSNTILRHLGRTLGLY
GKDQQEAALVDMVNDGVEDLRCKYISLIYTNYEAGKDDYVKALPGQLKPFETLLSQNQGGKTFIVGDQISFADYNLLDLL
LIHEVLAPGCLDAFPLLSAYVGRLSARPKLKAFLASPEYVNLPINGNGKQ
;
_entity_poly.pdbx_strand_id   A,B
#
loop_
_chem_comp.id
_chem_comp.type
_chem_comp.name
_chem_comp.formula
GSH non-polymer GLUTATHIONE 'C10 H17 N3 O6 S'
MES non-polymer '2-(N-MORPHOLINO)-ETHANESULFONIC ACID' 'C6 H13 N O4 S'
RUC non-polymer (eta6-benzene)ruthenium 'C6 H6 Ru'
#
# COMPACT_ATOMS: atom_id res chain seq x y z
N MET A 1 -25.35 9.90 -16.60
CA MET A 1 -24.55 9.62 -15.37
C MET A 1 -23.05 9.59 -15.66
N PRO A 2 -22.24 10.16 -14.72
CA PRO A 2 -20.79 10.01 -14.92
C PRO A 2 -20.38 8.55 -14.74
N PRO A 3 -19.31 8.10 -15.42
CA PRO A 3 -18.88 6.70 -15.22
C PRO A 3 -18.36 6.41 -13.80
N TYR A 4 -17.96 7.45 -13.07
CA TYR A 4 -17.38 7.31 -11.74
C TYR A 4 -18.29 7.66 -10.60
N THR A 5 -18.08 6.96 -9.49
CA THR A 5 -18.83 7.22 -8.30
C THR A 5 -17.94 7.00 -7.07
N VAL A 6 -18.02 7.94 -6.11
CA VAL A 6 -17.18 7.89 -4.95
C VAL A 6 -18.15 7.84 -3.78
N VAL A 7 -18.04 6.76 -3.00
CA VAL A 7 -18.87 6.51 -1.85
C VAL A 7 -17.89 6.58 -0.71
N TYR A 8 -18.08 7.61 0.12
CA TYR A 8 -17.22 7.93 1.22
C TYR A 8 -17.99 8.73 2.24
N PHE A 9 -17.41 8.90 3.42
CA PHE A 9 -17.91 9.80 4.47
C PHE A 9 -17.74 11.27 4.06
N PRO A 10 -18.43 12.22 4.74
CA PRO A 10 -18.26 13.64 4.34
C PRO A 10 -16.98 14.26 4.91
N VAL A 11 -15.85 13.73 4.46
CA VAL A 11 -14.51 14.06 4.91
C VAL A 11 -13.63 14.11 3.63
N ARG A 12 -12.53 14.86 3.69
CA ARG A 12 -11.50 14.75 2.66
C ARG A 12 -10.82 13.40 2.80
N GLY A 13 -10.26 13.16 4.00
CA GLY A 13 -9.60 11.89 4.33
C GLY A 13 -8.88 11.20 3.17
N ARG A 14 -9.27 9.95 2.93
CA ARG A 14 -8.60 9.12 1.96
C ARG A 14 -9.03 9.34 0.52
N CYS A 15 -9.96 10.26 0.29
CA CYS A 15 -10.44 10.58 -1.06
C CYS A 15 -9.93 11.88 -1.65
N ALA A 16 -9.31 12.73 -0.82
CA ALA A 16 -8.71 13.98 -1.33
C ALA A 16 -7.82 13.78 -2.60
N ALA A 17 -6.81 12.94 -2.53
CA ALA A 17 -5.93 12.73 -3.64
C ALA A 17 -6.65 12.27 -4.88
N LEU A 18 -7.46 11.20 -4.80
CA LEU A 18 -8.25 10.75 -5.96
C LEU A 18 -9.23 11.79 -6.50
N ARG A 19 -9.88 12.54 -5.61
CA ARG A 19 -10.73 13.67 -6.04
C ARG A 19 -9.94 14.77 -6.74
N MET A 20 -8.68 14.97 -6.37
CA MET A 20 -7.89 16.06 -6.96
C MET A 20 -7.45 15.61 -8.35
N LEU A 21 -7.13 14.32 -8.45
CA LEU A 21 -6.71 13.70 -9.66
C LEU A 21 -7.83 13.76 -10.72
N LEU A 22 -9.01 13.24 -10.38
CA LEU A 22 -10.23 13.38 -11.18
C LEU A 22 -10.49 14.84 -11.54
N ALA A 23 -10.56 15.75 -10.56
CA ALA A 23 -10.71 17.19 -10.87
C ALA A 23 -9.66 17.76 -11.84
N ASP A 24 -8.38 17.47 -11.59
CA ASP A 24 -7.26 17.98 -12.41
C ASP A 24 -7.23 17.37 -13.79
N GLN A 25 -7.73 16.17 -13.93
CA GLN A 25 -7.86 15.52 -15.21
C GLN A 25 -9.16 15.88 -15.92
N GLY A 26 -10.02 16.66 -15.30
CA GLY A 26 -11.26 17.11 -15.95
C GLY A 26 -12.26 15.99 -16.14
N GLN A 27 -12.28 15.05 -15.19
CA GLN A 27 -13.26 13.96 -15.21
C GLN A 27 -14.41 14.31 -14.33
N SER A 28 -15.58 13.82 -14.68
CA SER A 28 -16.74 14.01 -13.84
C SER A 28 -16.92 12.79 -12.96
N TRP A 29 -17.54 13.00 -11.83
CA TRP A 29 -17.83 11.86 -11.00
C TRP A 29 -19.00 12.18 -10.11
N LYS A 30 -19.64 11.15 -9.57
CA LYS A 30 -20.71 11.36 -8.65
C LYS A 30 -20.21 11.09 -7.22
N GLU A 31 -20.63 11.95 -6.29
CA GLU A 31 -20.30 11.73 -4.89
C GLU A 31 -21.54 11.16 -4.25
N GLU A 32 -21.45 9.93 -3.75
CA GLU A 32 -22.44 9.44 -2.84
C GLU A 32 -21.85 9.57 -1.46
N VAL A 33 -22.58 10.20 -0.54
CA VAL A 33 -22.08 10.48 0.78
C VAL A 33 -22.72 9.54 1.79
N VAL A 34 -21.92 9.08 2.74
CA VAL A 34 -22.39 8.18 3.76
C VAL A 34 -22.30 8.90 5.10
N THR A 35 -23.41 8.94 5.82
CA THR A 35 -23.41 9.55 7.17
C THR A 35 -23.11 8.50 8.25
N VAL A 36 -22.57 8.96 9.38
CA VAL A 36 -22.25 8.06 10.50
C VAL A 36 -23.46 7.23 10.86
N GLU A 37 -24.63 7.87 10.91
CA GLU A 37 -25.87 7.17 11.21
C GLU A 37 -26.20 6.04 10.21
N THR A 38 -26.00 6.27 8.91
CA THR A 38 -26.19 5.20 7.92
C THR A 38 -25.20 4.05 8.17
N TRP A 39 -23.99 4.42 8.57
CA TRP A 39 -22.91 3.47 8.78
C TRP A 39 -23.14 2.64 10.03
N GLN A 40 -23.52 3.32 11.12
CA GLN A 40 -23.82 2.71 12.42
C GLN A 40 -24.94 1.67 12.31
N GLU A 41 -25.90 1.97 11.45
CA GLU A 41 -26.97 1.03 11.12
C GLU A 41 -26.37 -0.34 10.75
N GLY A 42 -25.37 -0.35 9.88
CA GLY A 42 -24.49 -1.51 9.69
C GLY A 42 -24.68 -2.31 8.41
N SER A 43 -25.63 -1.89 7.59
CA SER A 43 -26.04 -2.67 6.43
C SER A 43 -25.07 -2.54 5.26
N LEU A 44 -24.57 -1.33 5.02
CA LEU A 44 -23.68 -1.06 3.90
C LEU A 44 -22.28 -1.57 4.21
N LYS A 45 -21.87 -1.46 5.47
CA LYS A 45 -20.61 -2.01 5.94
C LYS A 45 -20.47 -3.51 5.64
N ALA A 46 -21.57 -4.26 5.74
CA ALA A 46 -21.58 -5.71 5.45
C ALA A 46 -21.58 -6.03 3.96
N SER A 47 -21.83 -5.01 3.12
CA SER A 47 -21.71 -5.15 1.68
C SER A 47 -20.28 -4.76 1.25
N CYS A 48 -19.55 -4.09 2.13
CA CYS A 48 -18.21 -3.59 1.79
C CYS A 48 -17.16 -4.69 1.98
N LEU A 49 -16.45 -5.04 0.90
CA LEU A 49 -15.46 -6.16 0.91
C LEU A 49 -14.62 -6.27 2.19
N TYR A 50 -13.90 -5.20 2.53
CA TYR A 50 -13.11 -5.20 3.75
C TYR A 50 -13.85 -4.48 4.86
N GLY A 51 -15.15 -4.27 4.64
CA GLY A 51 -16.02 -3.60 5.61
C GLY A 51 -15.71 -2.13 5.87
N GLN A 52 -15.20 -1.47 4.84
CA GLN A 52 -14.69 -0.10 5.01
C GLN A 52 -14.97 0.78 3.81
N LEU A 53 -14.90 2.09 4.02
CA LEU A 53 -15.04 3.06 2.94
C LEU A 53 -13.66 3.69 2.82
N PRO A 54 -13.29 4.18 1.61
CA PRO A 54 -14.08 4.42 0.39
C PRO A 54 -14.41 3.24 -0.53
N LYS A 55 -15.56 3.32 -1.18
CA LYS A 55 -15.92 2.37 -2.21
C LYS A 55 -15.99 3.18 -3.51
N PHE A 56 -15.72 2.59 -4.65
CA PHE A 56 -15.61 3.35 -5.91
C PHE A 56 -16.12 2.52 -7.09
N GLN A 57 -16.75 3.18 -8.07
CA GLN A 57 -17.42 2.48 -9.13
C GLN A 57 -16.95 3.07 -10.43
N ASP A 58 -16.23 2.28 -11.23
CA ASP A 58 -16.00 2.65 -12.64
C ASP A 58 -16.92 1.69 -13.37
N GLY A 59 -18.05 2.21 -13.88
CA GLY A 59 -19.10 1.35 -14.43
C GLY A 59 -19.54 0.37 -13.37
N ASP A 60 -19.53 -0.92 -13.66
CA ASP A 60 -19.91 -1.95 -12.66
C ASP A 60 -18.74 -2.55 -11.89
N LEU A 61 -17.53 -2.07 -12.18
CA LEU A 61 -16.35 -2.35 -11.37
C LEU A 61 -16.41 -1.64 -10.03
N THR A 62 -16.55 -2.44 -8.98
CA THR A 62 -16.59 -1.92 -7.59
C THR A 62 -15.18 -2.05 -7.03
N LEU A 63 -14.53 -0.93 -6.72
CA LEU A 63 -13.19 -1.04 -6.10
C LEU A 63 -13.28 -0.58 -4.64
N TYR A 64 -12.47 -1.17 -3.79
CA TYR A 64 -12.24 -0.63 -2.47
C TYR A 64 -10.77 -0.36 -2.43
N GLN A 65 -10.36 0.37 -1.39
CA GLN A 65 -8.97 0.61 -1.05
C GLN A 65 -8.51 1.78 -1.84
N SER A 66 -8.21 2.84 -1.14
CA SER A 66 -7.90 4.11 -1.78
C SER A 66 -6.71 4.08 -2.76
N ASN A 67 -5.66 3.31 -2.52
CA ASN A 67 -4.47 3.32 -3.41
C ASN A 67 -4.67 2.53 -4.65
N THR A 68 -5.51 1.52 -4.52
CA THR A 68 -6.06 0.72 -5.57
C THR A 68 -6.87 1.58 -6.52
N ILE A 69 -7.81 2.35 -5.98
CA ILE A 69 -8.47 3.40 -6.77
C ILE A 69 -7.47 4.32 -7.46
N LEU A 70 -6.49 4.90 -6.73
CA LEU A 70 -5.51 5.75 -7.38
C LEU A 70 -4.71 5.10 -8.48
N ARG A 71 -4.26 3.85 -8.24
CA ARG A 71 -3.51 3.08 -9.25
C ARG A 71 -4.36 2.74 -10.46
N HIS A 72 -5.63 2.41 -10.19
CA HIS A 72 -6.60 2.18 -11.23
C HIS A 72 -6.80 3.41 -12.09
N LEU A 73 -7.05 4.56 -11.48
CA LEU A 73 -7.08 5.81 -12.29
C LEU A 73 -5.72 6.14 -12.91
N GLY A 74 -4.63 5.90 -12.19
CA GLY A 74 -3.27 6.06 -12.77
C GLY A 74 -3.02 5.27 -14.05
N ARG A 75 -3.42 4.00 -14.05
CA ARG A 75 -3.40 3.14 -15.23
C ARG A 75 -4.31 3.58 -16.38
N THR A 76 -5.58 3.75 -16.08
CA THR A 76 -6.54 4.11 -17.12
C THR A 76 -6.48 5.55 -17.60
N LEU A 77 -5.79 6.46 -16.91
CA LEU A 77 -5.69 7.83 -17.39
C LEU A 77 -4.28 8.23 -17.89
N GLY A 78 -3.35 7.29 -17.89
CA GLY A 78 -1.97 7.58 -18.27
C GLY A 78 -1.15 8.38 -17.26
N LEU A 79 -1.35 8.10 -15.96
CA LEU A 79 -0.69 8.82 -14.83
C LEU A 79 0.16 7.86 -13.97
N TYR A 80 0.88 6.99 -14.68
CA TYR A 80 1.65 5.88 -14.12
C TYR A 80 3.06 5.80 -14.72
N GLY A 81 3.64 6.94 -15.06
CA GLY A 81 4.95 6.91 -15.68
C GLY A 81 4.94 6.46 -17.14
N LYS A 82 6.08 6.65 -17.82
CA LYS A 82 6.17 6.44 -19.28
C LYS A 82 6.63 5.03 -19.66
N ASP A 83 7.47 4.43 -18.81
CA ASP A 83 8.00 3.07 -19.05
C ASP A 83 7.84 2.24 -17.77
N GLN A 84 8.34 1.00 -17.76
CA GLN A 84 8.19 0.10 -16.61
C GLN A 84 8.98 0.53 -15.39
N GLN A 85 10.07 1.25 -15.65
CA GLN A 85 10.97 1.74 -14.65
C GLN A 85 10.38 2.93 -13.90
N GLU A 86 9.64 3.79 -14.61
CA GLU A 86 9.03 4.96 -14.02
C GLU A 86 7.84 4.56 -13.16
N ALA A 87 7.06 3.58 -13.62
CA ALA A 87 5.95 3.02 -12.88
C ALA A 87 6.41 2.46 -11.53
N ALA A 88 7.52 1.73 -11.51
CA ALA A 88 8.14 1.29 -10.25
C ALA A 88 8.49 2.42 -9.30
N LEU A 89 9.13 3.50 -9.78
CA LEU A 89 9.40 4.67 -8.91
C LEU A 89 8.14 5.41 -8.45
N VAL A 90 7.14 5.51 -9.34
CA VAL A 90 5.81 6.05 -8.95
C VAL A 90 5.25 5.25 -7.76
N ASP A 91 5.41 3.94 -7.83
CA ASP A 91 4.93 3.06 -6.80
C ASP A 91 5.71 3.25 -5.51
N MET A 92 7.02 3.39 -5.61
CA MET A 92 7.89 3.60 -4.44
C MET A 92 7.56 4.92 -3.78
N VAL A 93 7.24 5.94 -4.56
CA VAL A 93 6.81 7.21 -4.00
C VAL A 93 5.47 7.00 -3.29
N ASN A 94 4.46 6.48 -4.02
CA ASN A 94 3.15 6.29 -3.42
C ASN A 94 3.15 5.43 -2.14
N ASP A 95 3.92 4.33 -2.15
CA ASP A 95 4.18 3.54 -0.95
C ASP A 95 4.83 4.32 0.19
N GLY A 96 5.80 5.16 -0.15
CA GLY A 96 6.35 6.17 0.78
C GLY A 96 5.30 7.05 1.41
N VAL A 97 4.53 7.76 0.58
CA VAL A 97 3.32 8.51 1.01
C VAL A 97 2.35 7.66 1.87
N GLU A 98 2.00 6.46 1.43
CA GLU A 98 1.06 5.66 2.23
C GLU A 98 1.60 5.45 3.64
N ASP A 99 2.91 5.23 3.77
CA ASP A 99 3.58 5.02 5.06
C ASP A 99 3.48 6.21 6.02
N LEU A 100 3.77 7.42 5.53
CA LEU A 100 3.59 8.62 6.32
C LEU A 100 2.09 8.94 6.59
N ARG A 101 1.21 8.68 5.61
CA ARG A 101 -0.23 8.83 5.81
C ARG A 101 -0.73 7.98 7.01
N CYS A 102 -0.26 6.74 7.10
CA CYS A 102 -0.59 5.85 8.19
C CYS A 102 -0.08 6.35 9.56
N LYS A 103 1.09 6.98 9.60
CA LYS A 103 1.57 7.55 10.88
C LYS A 103 0.70 8.75 11.24
N TYR A 104 0.36 9.54 10.24
CA TYR A 104 -0.48 10.72 10.43
C TYR A 104 -1.86 10.34 10.97
N ILE A 105 -2.42 9.24 10.45
CA ILE A 105 -3.77 8.83 10.79
C ILE A 105 -3.76 8.37 12.25
N SER A 106 -2.74 7.58 12.59
CA SER A 106 -2.49 7.15 13.97
C SER A 106 -2.24 8.30 14.93
N LEU A 107 -1.74 9.42 14.41
CA LEU A 107 -1.54 10.57 15.25
C LEU A 107 -2.89 11.18 15.53
N ILE A 108 -3.53 11.66 14.47
CA ILE A 108 -4.77 12.40 14.57
C ILE A 108 -5.88 11.63 15.29
N TYR A 109 -5.94 10.32 15.07
CA TYR A 109 -7.09 9.57 15.59
C TYR A 109 -6.85 8.86 16.91
N THR A 110 -5.62 8.48 17.19
CA THR A 110 -5.36 7.67 18.38
C THR A 110 -4.26 8.23 19.28
N ASN A 111 -4.04 9.55 19.29
CA ASN A 111 -2.95 10.08 20.14
C ASN A 111 -2.64 11.56 20.04
N TYR A 112 -3.37 12.28 19.20
CA TYR A 112 -3.07 13.69 18.94
C TYR A 112 -2.17 14.38 19.99
N GLU A 113 -2.72 14.59 21.20
CA GLU A 113 -2.12 15.50 22.21
C GLU A 113 -0.79 15.06 22.84
N ALA A 114 -0.65 13.77 23.11
CA ALA A 114 0.61 13.24 23.63
C ALA A 114 1.69 13.15 22.53
N GLY A 115 1.26 12.73 21.34
CA GLY A 115 2.16 12.39 20.24
C GLY A 115 2.64 13.56 19.40
N LYS A 116 1.81 14.60 19.28
CA LYS A 116 2.02 15.61 18.25
C LYS A 116 3.42 16.21 18.22
N ASP A 117 4.03 16.38 19.37
CA ASP A 117 5.33 17.06 19.49
C ASP A 117 6.45 16.23 18.92
N ASP A 118 6.47 14.96 19.31
CA ASP A 118 7.40 14.01 18.76
C ASP A 118 7.17 13.87 17.27
N TYR A 119 5.90 13.70 16.89
CA TYR A 119 5.53 13.67 15.49
C TYR A 119 6.06 14.87 14.71
N VAL A 120 5.83 16.08 15.21
CA VAL A 120 6.28 17.27 14.47
C VAL A 120 7.80 17.47 14.55
N LYS A 121 8.44 16.68 15.41
CA LYS A 121 9.89 16.75 15.54
C LYS A 121 10.50 15.68 14.67
N ALA A 122 9.77 14.60 14.45
CA ALA A 122 10.23 13.52 13.60
C ALA A 122 9.96 13.86 12.14
N LEU A 123 9.06 14.80 11.90
CA LEU A 123 8.59 15.16 10.56
C LEU A 123 9.68 15.45 9.53
N PRO A 124 10.62 16.39 9.83
CA PRO A 124 11.64 16.73 8.81
C PRO A 124 12.34 15.51 8.22
N GLY A 125 12.57 14.51 9.05
CA GLY A 125 13.15 13.24 8.63
C GLY A 125 12.24 12.38 7.79
N GLN A 126 10.92 12.48 8.00
CA GLN A 126 9.95 11.77 7.16
C GLN A 126 9.76 12.44 5.78
N LEU A 127 9.94 13.77 5.73
CA LEU A 127 9.71 14.54 4.49
C LEU A 127 10.91 14.55 3.58
N LYS A 128 12.10 14.47 4.16
CA LYS A 128 13.38 14.49 3.45
C LYS A 128 13.47 13.54 2.23
N PRO A 129 13.04 12.27 2.37
CA PRO A 129 13.04 11.37 1.22
C PRO A 129 12.40 11.96 -0.03
N PHE A 130 11.26 12.62 0.16
CA PHE A 130 10.50 13.19 -0.94
C PHE A 130 11.20 14.41 -1.55
N GLU A 131 11.87 15.21 -0.73
CA GLU A 131 12.80 16.26 -1.16
C GLU A 131 14.00 15.70 -1.92
N THR A 132 14.59 14.63 -1.39
CA THR A 132 15.64 13.91 -2.10
C THR A 132 15.20 13.45 -3.51
N LEU A 133 14.09 12.72 -3.59
CA LEU A 133 13.52 12.32 -4.87
C LEU A 133 13.43 13.47 -5.84
N LEU A 134 12.85 14.59 -5.41
CA LEU A 134 12.72 15.75 -6.28
C LEU A 134 14.09 16.22 -6.72
N SER A 135 15.01 16.31 -5.77
CA SER A 135 16.33 16.88 -6.03
C SER A 135 17.00 16.16 -7.18
N GLN A 136 16.70 14.88 -7.32
CA GLN A 136 17.38 13.96 -8.25
C GLN A 136 16.63 13.79 -9.55
N ASN A 137 15.44 14.40 -9.60
CA ASN A 137 14.63 14.43 -10.80
C ASN A 137 14.53 15.83 -11.40
N GLN A 138 15.37 16.10 -12.40
CA GLN A 138 15.52 17.41 -13.06
C GLN A 138 15.58 18.60 -12.11
N GLY A 139 16.39 18.45 -11.06
CA GLY A 139 16.50 19.44 -9.99
C GLY A 139 15.20 19.95 -9.40
N GLY A 140 14.18 19.10 -9.39
CA GLY A 140 12.97 19.37 -8.64
C GLY A 140 11.98 20.24 -9.37
N LYS A 141 12.16 20.34 -10.69
CA LYS A 141 11.46 21.36 -11.47
C LYS A 141 10.17 20.87 -12.10
N THR A 142 10.00 19.56 -12.16
CA THR A 142 8.79 18.99 -12.77
C THR A 142 7.88 18.32 -11.76
N PHE A 143 7.88 16.98 -11.75
CA PHE A 143 7.00 16.16 -10.91
C PHE A 143 7.87 15.25 -10.09
N ILE A 144 7.26 14.46 -9.20
CA ILE A 144 8.03 13.61 -8.30
C ILE A 144 8.83 12.52 -9.05
N VAL A 145 8.24 12.02 -10.14
CA VAL A 145 8.87 10.98 -10.94
C VAL A 145 8.67 11.34 -12.40
N GLY A 146 9.77 11.36 -13.17
CA GLY A 146 9.76 11.64 -14.62
C GLY A 146 9.19 13.01 -14.97
N ASP A 147 8.79 13.19 -16.23
CA ASP A 147 8.32 14.52 -16.65
C ASP A 147 6.82 14.73 -16.86
N GLN A 148 6.00 13.68 -16.68
CA GLN A 148 4.53 13.83 -16.67
C GLN A 148 4.05 13.66 -15.23
N ILE A 149 2.93 14.32 -14.86
CA ILE A 149 2.29 14.07 -13.56
C ILE A 149 1.89 12.61 -13.47
N SER A 150 1.98 12.04 -12.26
CA SER A 150 1.56 10.68 -12.01
C SER A 150 0.57 10.72 -10.85
N PHE A 151 -0.08 9.60 -10.54
CA PHE A 151 -1.04 9.54 -9.43
C PHE A 151 -0.40 9.84 -8.06
N ALA A 152 0.85 9.44 -7.87
CA ALA A 152 1.62 9.72 -6.67
C ALA A 152 1.87 11.20 -6.45
N ASP A 153 1.92 11.98 -7.50
CA ASP A 153 2.00 13.43 -7.26
C ASP A 153 0.78 13.92 -6.49
N TYR A 154 -0.39 13.34 -6.82
CA TYR A 154 -1.63 13.82 -6.28
C TYR A 154 -1.72 13.39 -4.80
N ASN A 155 -1.26 12.18 -4.46
CA ASN A 155 -1.28 11.64 -3.09
C ASN A 155 -0.24 12.39 -2.30
N LEU A 156 0.95 12.59 -2.89
CA LEU A 156 1.99 13.36 -2.20
C LEU A 156 1.59 14.81 -2.03
N LEU A 157 0.99 15.38 -3.06
CA LEU A 157 0.53 16.76 -2.90
C LEU A 157 -0.46 16.89 -1.75
N ASP A 158 -1.38 15.94 -1.61
CA ASP A 158 -2.38 15.96 -0.54
C ASP A 158 -1.83 15.77 0.85
N LEU A 159 -0.93 14.80 0.98
CA LEU A 159 -0.22 14.55 2.22
C LEU A 159 0.58 15.77 2.69
N LEU A 160 1.23 16.46 1.75
CA LEU A 160 1.99 17.70 2.03
C LEU A 160 1.01 18.79 2.47
N LEU A 161 -0.06 19.00 1.73
CA LEU A 161 -1.04 20.03 2.16
C LEU A 161 -1.60 19.77 3.57
N ILE A 162 -1.76 18.51 3.96
CA ILE A 162 -2.35 18.27 5.29
C ILE A 162 -1.33 18.48 6.41
N HIS A 163 -0.06 18.27 6.13
CA HIS A 163 0.98 18.45 7.15
C HIS A 163 1.26 19.90 7.37
N GLU A 164 1.03 20.69 6.34
CA GLU A 164 1.11 22.12 6.43
C GLU A 164 0.05 22.74 7.29
N VAL A 165 -1.09 22.06 7.43
CA VAL A 165 -2.13 22.53 8.35
C VAL A 165 -1.84 22.00 9.76
N LEU A 166 -1.37 20.78 9.87
CA LEU A 166 -0.96 20.22 11.17
C LEU A 166 0.19 21.01 11.78
N ALA A 167 1.22 21.26 10.98
CA ALA A 167 2.41 21.89 11.48
C ALA A 167 2.93 22.92 10.50
N PRO A 168 2.29 24.11 10.44
CA PRO A 168 2.58 25.15 9.44
C PRO A 168 4.08 25.44 9.27
N GLY A 169 4.51 25.67 8.03
CA GLY A 169 5.90 25.97 7.76
C GLY A 169 6.84 24.79 7.76
N CYS A 170 6.33 23.57 7.90
CA CYS A 170 7.16 22.35 7.85
C CYS A 170 7.87 22.22 6.51
N LEU A 171 7.32 22.84 5.48
CA LEU A 171 7.91 22.83 4.15
C LEU A 171 8.98 23.92 3.98
N ASP A 172 9.13 24.76 5.01
CA ASP A 172 10.16 25.82 5.01
C ASP A 172 11.59 25.26 4.93
N ALA A 173 11.80 24.09 5.53
CA ALA A 173 13.07 23.40 5.52
C ALA A 173 13.32 22.68 4.22
N PHE A 174 12.36 22.78 3.29
CA PHE A 174 12.30 21.95 2.06
C PHE A 174 11.88 22.72 0.84
N PRO A 175 12.86 23.38 0.17
CA PRO A 175 12.66 24.35 -0.91
C PRO A 175 12.08 23.79 -2.20
N LEU A 176 12.39 22.53 -2.50
CA LEU A 176 11.83 21.88 -3.70
C LEU A 176 10.40 21.41 -3.42
N LEU A 177 10.16 20.92 -2.20
CA LEU A 177 8.82 20.47 -1.84
C LEU A 177 7.89 21.67 -1.90
N SER A 178 8.38 22.81 -1.40
CA SER A 178 7.59 24.06 -1.35
C SER A 178 7.27 24.53 -2.75
N ALA A 179 8.31 24.72 -3.54
CA ALA A 179 8.10 25.12 -4.90
C ALA A 179 7.12 24.10 -5.48
N TYR A 180 7.33 22.81 -5.14
CA TYR A 180 6.49 21.71 -5.65
C TYR A 180 5.02 21.91 -5.34
N VAL A 181 4.72 22.12 -4.05
CA VAL A 181 3.34 22.31 -3.62
C VAL A 181 2.71 23.52 -4.30
N GLY A 182 3.45 24.63 -4.40
CA GLY A 182 2.92 25.83 -5.03
C GLY A 182 2.73 25.62 -6.50
N ARG A 183 3.65 24.94 -7.12
CA ARG A 183 3.57 24.66 -8.57
C ARG A 183 2.37 23.75 -8.94
N LEU A 184 2.06 22.77 -8.10
CA LEU A 184 0.97 21.87 -8.43
C LEU A 184 -0.38 22.45 -8.04
N SER A 185 -0.45 23.11 -6.89
CA SER A 185 -1.61 23.90 -6.45
C SER A 185 -2.14 24.86 -7.48
N ALA A 186 -1.26 25.36 -8.34
CA ALA A 186 -1.63 26.42 -9.26
C ALA A 186 -1.99 25.89 -10.64
N ARG A 187 -1.95 24.57 -10.82
CA ARG A 187 -2.50 23.97 -12.03
C ARG A 187 -3.99 24.36 -12.13
N PRO A 188 -4.43 24.86 -13.29
CA PRO A 188 -5.71 25.55 -13.46
C PRO A 188 -6.93 24.85 -12.85
N LYS A 189 -7.18 23.60 -13.26
CA LYS A 189 -8.33 22.84 -12.76
C LYS A 189 -8.17 22.42 -11.29
N LEU A 190 -6.95 22.08 -10.89
CA LEU A 190 -6.66 21.75 -9.50
C LEU A 190 -6.86 22.96 -8.59
N LYS A 191 -6.26 24.08 -8.98
CA LYS A 191 -6.49 25.40 -8.37
C LYS A 191 -7.95 25.69 -8.07
N ALA A 192 -8.78 25.68 -9.12
CA ALA A 192 -10.24 25.85 -8.93
C ALA A 192 -10.84 24.80 -7.97
N PHE A 193 -10.43 23.54 -8.12
CA PHE A 193 -10.94 22.50 -7.24
C PHE A 193 -10.63 22.78 -5.78
N LEU A 194 -9.37 23.11 -5.48
CA LEU A 194 -8.97 23.29 -4.07
C LEU A 194 -9.57 24.53 -3.41
N ALA A 195 -10.06 25.45 -4.24
CA ALA A 195 -10.75 26.65 -3.76
C ALA A 195 -12.27 26.49 -3.67
N SER A 196 -12.81 25.43 -4.29
CA SER A 196 -14.27 25.19 -4.34
C SER A 196 -14.90 24.67 -3.05
N PRO A 197 -16.20 24.91 -2.83
CA PRO A 197 -16.94 24.38 -1.67
C PRO A 197 -16.90 22.86 -1.44
N GLU A 198 -16.89 22.05 -2.50
CA GLU A 198 -16.84 20.61 -2.26
C GLU A 198 -15.53 20.14 -1.62
N TYR A 199 -14.42 20.79 -1.96
CA TYR A 199 -13.17 20.57 -1.22
C TYR A 199 -13.18 21.33 0.09
N VAL A 200 -13.38 22.66 0.03
CA VAL A 200 -13.11 23.52 1.20
C VAL A 200 -14.03 23.25 2.40
N ASN A 201 -15.23 22.77 2.17
CA ASN A 201 -16.18 22.69 3.24
C ASN A 201 -16.26 21.33 3.88
N LEU A 202 -15.37 20.43 3.46
CA LEU A 202 -15.21 19.15 4.12
C LEU A 202 -14.02 19.27 5.05
N PRO A 203 -14.12 18.63 6.23
CA PRO A 203 -13.01 18.57 7.17
C PRO A 203 -12.01 17.50 6.70
N ILE A 204 -10.76 17.64 7.11
CA ILE A 204 -9.68 16.77 6.63
C ILE A 204 -9.91 15.39 7.21
N ASN A 205 -10.27 15.39 8.48
CA ASN A 205 -10.49 14.18 9.21
C ASN A 205 -11.89 14.12 9.83
N GLY A 206 -12.25 12.94 10.31
CA GLY A 206 -13.58 12.74 10.89
C GLY A 206 -13.76 13.34 12.28
N ASN A 207 -12.69 13.39 13.05
CA ASN A 207 -12.81 13.79 14.44
C ASN A 207 -12.60 15.28 14.68
N GLY A 208 -12.55 16.05 13.59
CA GLY A 208 -12.32 17.49 13.66
C GLY A 208 -10.92 17.93 14.10
N LYS A 209 -10.07 16.96 14.44
CA LYS A 209 -8.64 17.25 14.65
C LYS A 209 -7.95 17.39 13.29
N GLN A 210 -7.02 18.33 13.22
CA GLN A 210 -6.24 18.57 12.01
C GLN A 210 -5.00 19.39 12.35
N PRO B 3 18.62 -10.35 -13.13
CA PRO B 3 19.74 -9.67 -12.44
C PRO B 3 19.38 -9.16 -11.02
N TYR B 4 19.01 -10.05 -10.09
CA TYR B 4 18.35 -9.59 -8.84
C TYR B 4 19.13 -9.76 -7.54
N THR B 5 18.94 -8.81 -6.63
CA THR B 5 19.63 -8.78 -5.35
C THR B 5 18.64 -8.34 -4.27
N VAL B 6 18.63 -9.04 -3.15
CA VAL B 6 17.74 -8.72 -2.05
C VAL B 6 18.59 -8.35 -0.84
N VAL B 7 18.43 -7.13 -0.35
CA VAL B 7 19.08 -6.71 0.88
C VAL B 7 18.07 -6.62 2.03
N TYR B 8 18.28 -7.45 3.06
CA TYR B 8 17.35 -7.57 4.16
C TYR B 8 18.00 -8.16 5.41
N PHE B 9 17.27 -8.18 6.52
CA PHE B 9 17.67 -8.83 7.76
C PHE B 9 17.47 -10.35 7.68
N PRO B 10 18.16 -11.14 8.54
CA PRO B 10 18.02 -12.60 8.52
C PRO B 10 16.67 -13.08 9.05
N VAL B 11 15.59 -12.61 8.40
CA VAL B 11 14.20 -13.02 8.72
C VAL B 11 13.42 -13.17 7.41
N ARG B 12 12.26 -13.83 7.50
CA ARG B 12 11.38 -13.97 6.34
C ARG B 12 10.64 -12.65 6.11
N GLY B 13 9.88 -12.22 7.14
CA GLY B 13 9.16 -10.92 7.17
C GLY B 13 8.61 -10.40 5.84
N ARG B 14 8.90 -9.14 5.52
CA ARG B 14 8.42 -8.51 4.29
C ARG B 14 9.13 -8.96 3.01
N CYS B 15 10.03 -9.94 3.11
CA CYS B 15 10.67 -10.51 1.93
C CYS B 15 10.19 -11.92 1.60
N ALA B 16 9.39 -12.53 2.48
CA ALA B 16 8.99 -13.92 2.23
C ALA B 16 8.15 -14.14 0.98
N ALA B 17 7.30 -13.16 0.65
CA ALA B 17 6.40 -13.26 -0.48
C ALA B 17 7.13 -13.00 -1.78
N LEU B 18 8.04 -12.04 -1.78
CA LEU B 18 8.85 -11.76 -2.97
C LEU B 18 9.84 -12.85 -3.25
N ARG B 19 10.48 -13.40 -2.22
CA ARG B 19 11.30 -14.62 -2.43
C ARG B 19 10.47 -15.80 -2.91
N MET B 20 9.28 -16.01 -2.34
CA MET B 20 8.38 -17.04 -2.89
C MET B 20 8.15 -16.88 -4.42
N LEU B 21 7.99 -15.63 -4.86
CA LEU B 21 7.68 -15.27 -6.22
C LEU B 21 8.87 -15.54 -7.13
N LEU B 22 10.02 -14.94 -6.82
CA LEU B 22 11.28 -15.24 -7.52
C LEU B 22 11.48 -16.73 -7.69
N ALA B 23 11.29 -17.50 -6.61
CA ALA B 23 11.47 -18.96 -6.66
C ALA B 23 10.50 -19.70 -7.59
N ASP B 24 9.20 -19.46 -7.45
CA ASP B 24 8.16 -20.06 -8.30
C ASP B 24 8.36 -19.69 -9.77
N GLN B 25 8.85 -18.49 -10.04
CA GLN B 25 9.02 -18.04 -11.41
C GLN B 25 10.38 -18.44 -12.01
N GLY B 26 11.08 -19.37 -11.33
CA GLY B 26 12.44 -19.76 -11.68
C GLY B 26 13.39 -18.59 -11.89
N GLN B 27 13.34 -17.58 -11.03
CA GLN B 27 14.34 -16.55 -11.12
C GLN B 27 15.50 -16.87 -10.19
N SER B 28 16.65 -16.24 -10.44
CA SER B 28 17.82 -16.40 -9.58
C SER B 28 18.04 -15.05 -8.97
N TRP B 29 18.38 -15.04 -7.69
CA TRP B 29 18.71 -13.78 -7.05
C TRP B 29 19.82 -13.95 -6.04
N LYS B 30 20.55 -12.87 -5.79
CA LYS B 30 21.53 -12.83 -4.72
C LYS B 30 20.82 -12.33 -3.48
N GLU B 31 21.09 -12.98 -2.36
CA GLU B 31 20.64 -12.50 -1.07
C GLU B 31 21.79 -11.77 -0.45
N GLU B 32 21.58 -10.55 0.02
CA GLU B 32 22.57 -9.87 0.82
C GLU B 32 22.01 -9.65 2.20
N VAL B 33 22.70 -10.17 3.23
CA VAL B 33 22.23 -10.13 4.62
C VAL B 33 22.73 -8.89 5.35
N VAL B 34 21.93 -8.42 6.30
CA VAL B 34 22.26 -7.26 7.08
C VAL B 34 21.97 -7.59 8.54
N THR B 35 23.04 -7.62 9.34
CA THR B 35 23.02 -8.01 10.74
C THR B 35 22.72 -6.80 11.62
N VAL B 36 22.72 -7.01 12.93
CA VAL B 36 22.40 -5.95 13.92
C VAL B 36 23.42 -4.82 14.00
N GLU B 37 24.72 -5.17 14.09
CA GLU B 37 25.82 -4.19 14.17
C GLU B 37 26.13 -3.50 12.83
N THR B 38 25.93 -4.22 11.72
CA THR B 38 26.06 -3.62 10.38
C THR B 38 25.05 -2.46 10.21
N TRP B 39 23.80 -2.73 10.59
CA TRP B 39 22.69 -1.78 10.42
C TRP B 39 22.84 -0.60 11.36
N GLN B 40 23.08 -0.93 12.63
CA GLN B 40 23.29 0.05 13.73
C GLN B 40 24.44 1.04 13.46
N GLU B 41 25.56 0.54 12.94
CA GLU B 41 26.67 1.38 12.46
C GLU B 41 26.12 2.68 11.84
N GLY B 42 25.28 2.52 10.82
CA GLY B 42 24.48 3.63 10.30
C GLY B 42 24.81 4.08 8.89
N SER B 43 25.70 3.33 8.24
CA SER B 43 26.03 3.59 6.84
C SER B 43 24.85 3.25 5.93
N LEU B 44 24.47 1.98 5.88
CA LEU B 44 23.47 1.49 4.94
C LEU B 44 22.13 2.21 5.10
N LYS B 45 21.71 2.37 6.36
CA LYS B 45 20.49 3.08 6.73
C LYS B 45 20.44 4.51 6.22
N ALA B 46 21.56 5.21 6.31
CA ALA B 46 21.62 6.62 5.86
C ALA B 46 21.50 6.72 4.33
N SER B 47 21.82 5.64 3.64
CA SER B 47 21.72 5.62 2.19
C SER B 47 20.37 5.06 1.69
N CYS B 48 19.52 4.58 2.59
CA CYS B 48 18.28 3.98 2.14
C CYS B 48 17.29 5.11 2.01
N LEU B 49 16.44 5.07 0.99
CA LEU B 49 15.55 6.18 0.73
C LEU B 49 14.69 6.52 1.96
N TYR B 50 14.11 5.51 2.60
CA TYR B 50 13.19 5.76 3.71
C TYR B 50 13.77 5.27 5.05
N GLY B 51 15.09 5.09 5.09
CA GLY B 51 15.81 4.56 6.24
C GLY B 51 15.57 3.10 6.51
N GLN B 52 15.14 2.32 5.51
CA GLN B 52 14.65 0.96 5.78
C GLN B 52 14.88 -0.07 4.71
N LEU B 53 14.61 -1.31 5.08
CA LEU B 53 14.79 -2.44 4.18
C LEU B 53 13.46 -3.23 4.06
N PRO B 54 13.31 -4.12 3.05
CA PRO B 54 14.27 -4.51 1.99
C PRO B 54 14.68 -3.38 1.04
N LYS B 55 15.77 -3.64 0.32
CA LYS B 55 16.25 -2.83 -0.76
C LYS B 55 16.39 -3.89 -1.80
N PHE B 56 16.12 -3.54 -3.07
CA PHE B 56 16.11 -4.49 -4.16
C PHE B 56 16.90 -3.89 -5.31
N GLN B 57 17.76 -4.69 -5.94
CA GLN B 57 18.44 -4.27 -7.17
C GLN B 57 17.93 -5.08 -8.35
N ASP B 58 17.65 -4.40 -9.44
CA ASP B 58 17.30 -5.05 -10.69
C ASP B 58 18.15 -4.34 -11.71
N GLY B 59 19.38 -4.80 -11.91
CA GLY B 59 20.26 -4.13 -12.87
C GLY B 59 20.65 -2.77 -12.33
N ASP B 60 20.49 -1.73 -13.12
CA ASP B 60 20.83 -0.35 -12.68
C ASP B 60 19.75 0.22 -11.72
N LEU B 61 18.65 -0.53 -11.51
CA LEU B 61 17.48 -0.04 -10.81
C LEU B 61 17.43 -0.43 -9.33
N THR B 62 17.32 0.57 -8.47
CA THR B 62 17.22 0.38 -7.00
C THR B 62 15.83 0.72 -6.55
N LEU B 63 15.23 -0.16 -5.75
CA LEU B 63 13.91 0.07 -5.22
C LEU B 63 13.88 -0.24 -3.75
N TYR B 64 13.06 0.51 -3.03
CA TYR B 64 12.74 0.20 -1.66
C TYR B 64 11.26 -0.10 -1.65
N GLN B 65 10.74 -0.57 -0.51
CA GLN B 65 9.30 -0.86 -0.36
C GLN B 65 8.88 -2.25 -0.84
N SER B 66 8.55 -3.15 0.09
CA SER B 66 8.14 -4.50 -0.31
C SER B 66 7.05 -4.61 -1.42
N ASN B 67 5.97 -3.81 -1.34
CA ASN B 67 4.95 -3.90 -2.40
C ASN B 67 5.32 -3.32 -3.77
N THR B 68 6.16 -2.28 -3.76
CA THR B 68 6.81 -1.78 -4.94
C THR B 68 7.65 -2.87 -5.60
N ILE B 69 8.48 -3.54 -4.83
CA ILE B 69 9.17 -4.74 -5.33
C ILE B 69 8.21 -5.77 -5.94
N LEU B 70 7.19 -6.16 -5.18
CA LEU B 70 6.15 -7.10 -5.71
C LEU B 70 5.54 -6.65 -7.05
N ARG B 71 5.17 -5.36 -7.10
CA ARG B 71 4.45 -4.81 -8.22
C ARG B 71 5.36 -4.74 -9.41
N HIS B 72 6.60 -4.32 -9.19
CA HIS B 72 7.61 -4.36 -10.20
C HIS B 72 7.83 -5.73 -10.83
N LEU B 73 7.93 -6.75 -10.01
CA LEU B 73 8.10 -8.13 -10.49
C LEU B 73 6.83 -8.63 -11.21
N GLY B 74 5.67 -8.24 -10.70
CA GLY B 74 4.40 -8.56 -11.35
C GLY B 74 4.33 -7.88 -12.71
N ARG B 75 4.86 -6.68 -12.78
CA ARG B 75 4.71 -5.94 -13.97
C ARG B 75 5.64 -6.60 -14.98
N THR B 76 6.90 -6.81 -14.65
CA THR B 76 7.87 -7.25 -15.63
C THR B 76 7.87 -8.73 -15.96
N LEU B 77 7.32 -9.56 -15.08
CA LEU B 77 7.22 -11.00 -15.37
C LEU B 77 5.79 -11.41 -15.73
N GLY B 78 4.91 -10.42 -15.91
CA GLY B 78 3.55 -10.70 -16.36
C GLY B 78 2.72 -11.35 -15.30
N LEU B 79 2.82 -10.86 -14.07
CA LEU B 79 2.05 -11.38 -12.94
C LEU B 79 1.09 -10.37 -12.33
N TYR B 80 0.48 -9.55 -13.19
CA TYR B 80 -0.34 -8.43 -12.77
C TYR B 80 -1.71 -8.41 -13.48
N GLY B 81 -2.40 -9.54 -13.51
CA GLY B 81 -3.67 -9.67 -14.28
C GLY B 81 -3.51 -9.69 -15.79
N LYS B 82 -4.61 -9.97 -16.49
CA LYS B 82 -4.60 -10.11 -17.95
C LYS B 82 -4.93 -8.76 -18.60
N ASP B 83 -5.62 -7.89 -17.86
CA ASP B 83 -5.99 -6.56 -18.35
C ASP B 83 -6.13 -5.62 -17.17
N GLN B 84 -6.50 -4.38 -17.44
CA GLN B 84 -6.59 -3.38 -16.39
C GLN B 84 -7.64 -3.70 -15.34
N GLN B 85 -8.75 -4.32 -15.71
CA GLN B 85 -9.78 -4.70 -14.71
C GLN B 85 -9.19 -5.65 -13.66
N GLU B 86 -8.49 -6.66 -14.18
CA GLU B 86 -7.77 -7.62 -13.37
C GLU B 86 -6.64 -7.01 -12.56
N ALA B 87 -5.83 -6.21 -13.25
CA ALA B 87 -4.80 -5.38 -12.63
C ALA B 87 -5.34 -4.66 -11.38
N ALA B 88 -6.53 -4.06 -11.46
CA ALA B 88 -7.19 -3.44 -10.31
C ALA B 88 -7.62 -4.39 -9.20
N LEU B 89 -8.08 -5.58 -9.58
CA LEU B 89 -8.50 -6.57 -8.57
C LEU B 89 -7.26 -7.09 -7.87
N VAL B 90 -6.20 -7.29 -8.64
CA VAL B 90 -4.92 -7.65 -8.05
C VAL B 90 -4.51 -6.64 -6.93
N ASP B 91 -4.53 -5.35 -7.25
CA ASP B 91 -4.16 -4.32 -6.31
C ASP B 91 -5.05 -4.36 -5.10
N MET B 92 -6.35 -4.46 -5.31
CA MET B 92 -7.32 -4.56 -4.22
C MET B 92 -7.02 -5.76 -3.31
N VAL B 93 -6.68 -6.91 -3.89
CA VAL B 93 -6.25 -8.06 -3.10
C VAL B 93 -4.95 -7.71 -2.36
N ASN B 94 -3.94 -7.27 -3.10
CA ASN B 94 -2.74 -6.91 -2.38
C ASN B 94 -2.91 -5.94 -1.20
N ASP B 95 -3.80 -4.93 -1.32
CA ASP B 95 -3.86 -3.92 -0.25
C ASP B 95 -4.63 -4.42 0.96
N GLY B 96 -5.60 -5.31 0.71
CA GLY B 96 -6.23 -6.01 1.81
C GLY B 96 -5.18 -6.86 2.50
N VAL B 97 -4.32 -7.50 1.69
CA VAL B 97 -3.27 -8.36 2.25
C VAL B 97 -2.38 -7.48 3.06
N GLU B 98 -1.95 -6.37 2.47
CA GLU B 98 -1.14 -5.43 3.21
C GLU B 98 -1.78 -4.86 4.51
N ASP B 99 -3.09 -4.63 4.49
CA ASP B 99 -3.77 -4.06 5.65
C ASP B 99 -3.71 -5.01 6.84
N LEU B 100 -4.03 -6.28 6.61
CA LEU B 100 -3.93 -7.30 7.64
C LEU B 100 -2.49 -7.62 8.05
N ARG B 101 -1.57 -7.60 7.09
CA ARG B 101 -0.14 -7.73 7.42
C ARG B 101 0.29 -6.62 8.38
N CYS B 102 -0.18 -5.40 8.12
CA CYS B 102 0.05 -4.27 9.04
C CYS B 102 -0.50 -4.51 10.45
N LYS B 103 -1.61 -5.24 10.56
CA LYS B 103 -2.21 -5.60 11.86
C LYS B 103 -1.46 -6.73 12.58
N TYR B 104 -1.06 -7.73 11.83
CA TYR B 104 -0.20 -8.80 12.30
C TYR B 104 1.08 -8.24 12.94
N ILE B 105 1.80 -7.39 12.20
CA ILE B 105 3.07 -6.78 12.65
C ILE B 105 2.93 -6.00 13.97
N SER B 106 1.87 -5.19 14.06
CA SER B 106 1.48 -4.50 15.27
C SER B 106 1.40 -5.50 16.44
N LEU B 107 0.47 -6.45 16.38
CA LEU B 107 0.48 -7.55 17.33
C LEU B 107 1.89 -8.06 17.70
N ILE B 108 2.51 -8.79 16.79
CA ILE B 108 3.85 -9.34 16.97
C ILE B 108 4.87 -8.41 17.61
N TYR B 109 4.98 -7.17 17.14
CA TYR B 109 6.07 -6.32 17.62
C TYR B 109 5.69 -5.43 18.77
N THR B 110 4.48 -4.90 18.76
CA THR B 110 4.08 -3.92 19.77
C THR B 110 3.38 -4.55 20.99
N ASN B 111 2.35 -5.35 20.75
CA ASN B 111 1.43 -5.74 21.82
C ASN B 111 1.05 -7.21 21.72
N TYR B 112 2.05 -8.06 21.54
CA TYR B 112 1.81 -9.48 21.39
C TYR B 112 1.06 -10.09 22.58
N GLU B 113 1.58 -9.84 23.78
CA GLU B 113 1.16 -10.52 25.00
C GLU B 113 -0.35 -10.50 25.27
N ALA B 114 -0.89 -9.33 25.62
CA ALA B 114 -2.31 -9.18 25.93
C ALA B 114 -3.23 -9.20 24.72
N GLY B 115 -2.69 -8.81 23.56
CA GLY B 115 -3.49 -8.56 22.37
C GLY B 115 -3.85 -9.80 21.58
N LYS B 116 -3.11 -10.87 21.80
CA LYS B 116 -3.22 -12.06 20.98
C LYS B 116 -4.59 -12.71 21.04
N ASP B 117 -5.21 -12.68 22.23
CA ASP B 117 -6.51 -13.32 22.45
C ASP B 117 -7.57 -12.67 21.54
N ASP B 118 -7.61 -11.33 21.56
CA ASP B 118 -8.55 -10.52 20.76
C ASP B 118 -8.26 -10.53 19.26
N TYR B 119 -7.00 -10.75 18.90
CA TYR B 119 -6.59 -10.77 17.49
C TYR B 119 -7.09 -12.04 16.81
N VAL B 120 -6.94 -13.15 17.52
CA VAL B 120 -7.36 -14.45 17.00
C VAL B 120 -8.89 -14.51 16.93
N LYS B 121 -9.55 -13.77 17.83
CA LYS B 121 -11.00 -13.58 17.80
C LYS B 121 -11.46 -12.78 16.57
N ALA B 122 -10.72 -11.73 16.24
CA ALA B 122 -11.04 -10.87 15.09
C ALA B 122 -10.71 -11.51 13.74
N LEU B 123 -9.82 -12.51 13.77
CA LEU B 123 -9.19 -13.06 12.57
C LEU B 123 -10.12 -13.66 11.49
N PRO B 124 -11.13 -14.47 11.89
CA PRO B 124 -11.99 -15.06 10.85
C PRO B 124 -12.69 -14.00 9.99
N GLY B 125 -13.08 -12.91 10.62
CA GLY B 125 -13.68 -11.79 9.94
C GLY B 125 -12.68 -11.07 9.06
N GLN B 126 -11.40 -11.22 9.39
CA GLN B 126 -10.36 -10.58 8.60
C GLN B 126 -10.01 -11.42 7.38
N LEU B 127 -10.35 -12.70 7.41
CA LEU B 127 -10.00 -13.64 6.34
C LEU B 127 -11.12 -13.92 5.35
N LYS B 128 -12.36 -13.79 5.84
CA LYS B 128 -13.59 -13.89 5.05
C LYS B 128 -13.52 -13.20 3.68
N PRO B 129 -13.13 -11.89 3.63
CA PRO B 129 -13.01 -11.21 2.32
C PRO B 129 -12.29 -12.02 1.24
N PHE B 130 -11.21 -12.72 1.63
CA PHE B 130 -10.41 -13.53 0.69
C PHE B 130 -11.11 -14.82 0.26
N GLU B 131 -11.79 -15.51 1.19
CA GLU B 131 -12.70 -16.61 0.82
C GLU B 131 -13.78 -16.14 -0.17
N THR B 132 -14.38 -14.98 0.13
CA THR B 132 -15.35 -14.33 -0.75
C THR B 132 -14.77 -14.06 -2.16
N LEU B 133 -13.64 -13.37 -2.24
CA LEU B 133 -12.95 -13.18 -3.52
C LEU B 133 -12.80 -14.46 -4.35
N LEU B 134 -12.20 -15.50 -3.77
CA LEU B 134 -12.12 -16.82 -4.44
C LEU B 134 -13.49 -17.42 -4.85
N SER B 135 -14.46 -17.41 -3.96
CA SER B 135 -15.80 -17.92 -4.29
C SER B 135 -16.41 -17.24 -5.50
N GLN B 136 -16.04 -15.98 -5.76
CA GLN B 136 -16.57 -15.30 -6.92
C GLN B 136 -15.70 -15.38 -8.17
N ASN B 137 -14.55 -16.06 -8.06
CA ASN B 137 -13.64 -16.24 -9.19
C ASN B 137 -13.54 -17.73 -9.53
N GLN B 138 -14.43 -18.18 -10.41
CA GLN B 138 -14.52 -19.60 -10.81
C GLN B 138 -14.51 -20.61 -9.65
N GLY B 139 -15.41 -20.42 -8.68
CA GLY B 139 -15.58 -21.37 -7.57
C GLY B 139 -14.32 -21.60 -6.76
N GLY B 140 -13.36 -20.69 -6.91
CA GLY B 140 -12.11 -20.72 -6.16
C GLY B 140 -11.08 -21.69 -6.70
N LYS B 141 -11.25 -22.14 -7.93
CA LYS B 141 -10.49 -23.29 -8.39
C LYS B 141 -9.17 -22.89 -9.03
N THR B 142 -8.93 -21.59 -9.14
CA THR B 142 -7.69 -21.13 -9.75
C THR B 142 -6.88 -20.28 -8.78
N PHE B 143 -6.92 -18.97 -9.00
CA PHE B 143 -6.08 -18.01 -8.31
C PHE B 143 -6.94 -16.92 -7.75
N ILE B 144 -6.33 -16.00 -7.02
CA ILE B 144 -7.10 -15.00 -6.27
C ILE B 144 -7.91 -14.10 -7.22
N VAL B 145 -7.44 -13.98 -8.47
CA VAL B 145 -7.92 -13.02 -9.47
C VAL B 145 -7.60 -13.61 -10.89
N GLY B 146 -8.63 -13.80 -11.73
CA GLY B 146 -8.41 -14.33 -13.05
C GLY B 146 -7.88 -15.75 -13.02
N ASP B 147 -7.24 -16.17 -14.09
CA ASP B 147 -6.91 -17.55 -14.26
C ASP B 147 -5.41 -17.83 -14.26
N GLN B 148 -4.63 -16.79 -13.99
CA GLN B 148 -3.18 -16.83 -13.95
C GLN B 148 -2.77 -16.31 -12.56
N ILE B 149 -1.58 -16.73 -12.13
CA ILE B 149 -1.06 -16.31 -10.84
C ILE B 149 -0.60 -14.84 -10.94
N SER B 150 -0.76 -14.13 -9.86
CA SER B 150 -0.31 -12.76 -9.77
C SER B 150 0.54 -12.60 -8.50
N PHE B 151 1.11 -11.42 -8.30
CA PHE B 151 1.96 -11.19 -7.17
C PHE B 151 1.16 -11.12 -5.88
N ALA B 152 -0.15 -10.83 -5.97
CA ALA B 152 -0.99 -10.82 -4.77
C ALA B 152 -1.20 -12.25 -4.30
N ASP B 153 -1.15 -13.22 -5.21
CA ASP B 153 -1.17 -14.62 -4.75
C ASP B 153 -0.01 -14.99 -3.79
N TYR B 154 1.20 -14.55 -4.12
CA TYR B 154 2.32 -14.93 -3.28
C TYR B 154 2.22 -14.26 -1.92
N ASN B 155 1.71 -13.02 -1.89
CA ASN B 155 1.69 -12.20 -0.69
C ASN B 155 0.54 -12.68 0.18
N LEU B 156 -0.62 -12.96 -0.45
CA LEU B 156 -1.71 -13.65 0.22
C LEU B 156 -1.27 -15.01 0.72
N LEU B 157 -0.65 -15.84 -0.14
CA LEU B 157 -0.12 -17.11 0.39
C LEU B 157 0.79 -16.90 1.59
N ASP B 158 1.79 -16.02 1.54
CA ASP B 158 2.61 -15.83 2.71
C ASP B 158 1.77 -15.53 3.96
N LEU B 159 0.86 -14.56 3.82
CA LEU B 159 0.02 -14.13 4.91
C LEU B 159 -0.82 -15.26 5.50
N LEU B 160 -1.33 -16.12 4.65
CA LEU B 160 -2.03 -17.32 5.13
C LEU B 160 -1.12 -18.26 5.94
N LEU B 161 0.07 -18.54 5.44
CA LEU B 161 0.99 -19.44 6.18
C LEU B 161 1.42 -18.87 7.54
N ILE B 162 1.82 -17.59 7.59
CA ILE B 162 2.25 -17.04 8.86
C ILE B 162 1.08 -16.99 9.85
N HIS B 163 -0.15 -17.03 9.32
CA HIS B 163 -1.35 -16.99 10.19
C HIS B 163 -1.74 -18.34 10.74
N GLU B 164 -1.49 -19.41 9.99
CA GLU B 164 -1.64 -20.75 10.52
C GLU B 164 -0.60 -21.06 11.57
N VAL B 165 0.49 -20.31 11.60
CA VAL B 165 1.47 -20.49 12.65
C VAL B 165 0.95 -19.77 13.91
N LEU B 166 0.50 -18.53 13.76
CA LEU B 166 -0.05 -17.74 14.87
C LEU B 166 -1.24 -18.42 15.55
N ALA B 167 -2.08 -19.07 14.75
CA ALA B 167 -3.27 -19.69 15.24
C ALA B 167 -3.61 -20.83 14.30
N PRO B 168 -3.01 -22.02 14.52
CA PRO B 168 -3.30 -23.18 13.69
C PRO B 168 -4.78 -23.50 13.69
N GLY B 169 -5.26 -23.99 12.56
CA GLY B 169 -6.67 -24.28 12.35
C GLY B 169 -7.47 -23.08 11.89
N CYS B 170 -6.86 -21.90 11.78
CA CYS B 170 -7.59 -20.69 11.37
C CYS B 170 -8.17 -20.71 9.96
N LEU B 171 -7.74 -21.62 9.09
CA LEU B 171 -8.30 -21.71 7.72
C LEU B 171 -9.37 -22.82 7.61
N ASP B 172 -9.50 -23.62 8.67
CA ASP B 172 -10.47 -24.72 8.77
C ASP B 172 -11.88 -24.34 8.34
N ALA B 173 -12.36 -23.19 8.80
CA ALA B 173 -13.70 -22.68 8.47
C ALA B 173 -13.83 -22.17 7.04
N PHE B 174 -12.74 -22.21 6.26
CA PHE B 174 -12.71 -21.58 4.92
C PHE B 174 -12.18 -22.56 3.92
N PRO B 175 -13.06 -23.27 3.24
CA PRO B 175 -12.67 -24.38 2.41
C PRO B 175 -11.96 -23.96 1.13
N LEU B 176 -12.28 -22.77 0.64
CA LEU B 176 -11.61 -22.32 -0.61
C LEU B 176 -10.21 -21.87 -0.30
N LEU B 177 -10.01 -21.29 0.88
CA LEU B 177 -8.69 -20.79 1.25
C LEU B 177 -7.77 -21.95 1.53
N SER B 178 -8.27 -22.89 2.33
CA SER B 178 -7.55 -24.13 2.64
C SER B 178 -7.09 -24.82 1.35
N ALA B 179 -7.99 -24.98 0.38
CA ALA B 179 -7.67 -25.68 -0.88
C ALA B 179 -6.68 -24.89 -1.72
N TYR B 180 -6.82 -23.57 -1.66
CA TYR B 180 -6.00 -22.63 -2.42
C TYR B 180 -4.58 -22.72 -1.88
N VAL B 181 -4.46 -22.74 -0.57
CA VAL B 181 -3.18 -22.83 0.10
C VAL B 181 -2.43 -24.10 -0.22
N GLY B 182 -3.15 -25.21 -0.38
CA GLY B 182 -2.57 -26.51 -0.71
C GLY B 182 -2.27 -26.61 -2.20
N ARG B 183 -3.09 -26.00 -3.02
CA ARG B 183 -2.85 -26.01 -4.47
C ARG B 183 -1.55 -25.26 -4.81
N LEU B 184 -1.39 -24.03 -4.35
CA LEU B 184 -0.18 -23.23 -4.60
C LEU B 184 1.09 -23.75 -3.89
N SER B 185 0.94 -24.22 -2.64
CA SER B 185 2.04 -24.91 -1.94
C SER B 185 2.65 -26.10 -2.71
N ALA B 186 1.84 -26.77 -3.53
CA ALA B 186 2.25 -27.95 -4.25
C ALA B 186 2.85 -27.65 -5.62
N ARG B 187 2.88 -26.36 -6.01
CA ARG B 187 3.54 -25.90 -7.23
C ARG B 187 5.04 -26.22 -7.11
N PRO B 188 5.62 -26.95 -8.07
CA PRO B 188 6.90 -27.66 -7.80
C PRO B 188 8.05 -26.81 -7.26
N LYS B 189 8.34 -25.68 -7.90
CA LYS B 189 9.41 -24.78 -7.45
C LYS B 189 9.10 -24.10 -6.12
N LEU B 190 7.83 -23.75 -5.91
CA LEU B 190 7.42 -23.18 -4.64
C LEU B 190 7.57 -24.17 -3.51
N LYS B 191 7.13 -25.40 -3.75
CA LYS B 191 7.15 -26.47 -2.77
C LYS B 191 8.57 -26.74 -2.24
N ALA B 192 9.51 -26.83 -3.19
CA ALA B 192 10.93 -26.98 -2.93
C ALA B 192 11.53 -25.80 -2.17
N PHE B 193 11.15 -24.58 -2.56
CA PHE B 193 11.65 -23.42 -1.84
C PHE B 193 11.09 -23.40 -0.41
N LEU B 194 9.82 -23.72 -0.25
CA LEU B 194 9.20 -23.75 1.08
C LEU B 194 9.77 -24.89 1.93
N ALA B 195 10.43 -25.86 1.28
CA ALA B 195 11.03 -26.99 2.01
C ALA B 195 12.51 -26.74 2.32
N SER B 196 13.10 -25.77 1.61
CA SER B 196 14.52 -25.43 1.71
C SER B 196 14.91 -24.78 3.05
N PRO B 197 16.17 -24.98 3.52
CA PRO B 197 16.66 -24.38 4.77
C PRO B 197 16.62 -22.87 4.76
N GLU B 198 16.81 -22.33 3.59
CA GLU B 198 16.85 -20.91 3.33
C GLU B 198 15.54 -20.23 3.76
N TYR B 199 14.43 -20.98 3.70
CA TYR B 199 13.14 -20.53 4.20
C TYR B 199 12.86 -21.10 5.60
N VAL B 200 12.96 -22.42 5.74
CA VAL B 200 12.65 -23.07 6.99
C VAL B 200 13.48 -22.60 8.21
N ASN B 201 14.75 -22.26 8.01
CA ASN B 201 15.61 -21.93 9.15
C ASN B 201 15.74 -20.46 9.42
N LEU B 202 14.88 -19.67 8.79
CA LEU B 202 14.76 -18.25 9.08
C LEU B 202 13.53 -18.04 9.95
N PRO B 203 13.68 -17.22 10.99
CA PRO B 203 12.52 -16.79 11.75
C PRO B 203 11.54 -15.95 10.93
N ILE B 204 10.26 -16.05 11.26
CA ILE B 204 9.22 -15.24 10.65
C ILE B 204 9.49 -13.77 10.98
N ASN B 205 9.66 -13.48 12.26
CA ASN B 205 9.83 -12.10 12.70
C ASN B 205 11.16 -11.86 13.44
N GLY B 206 11.43 -10.58 13.73
CA GLY B 206 12.67 -10.13 14.37
C GLY B 206 12.77 -10.29 15.90
N ASN B 207 11.66 -10.14 16.60
CA ASN B 207 11.65 -10.30 18.04
C ASN B 207 11.42 -11.77 18.43
N GLY B 208 11.65 -12.68 17.48
CA GLY B 208 11.44 -14.12 17.65
C GLY B 208 10.07 -14.56 18.17
N LYS B 209 9.03 -13.82 17.79
CA LYS B 209 7.65 -14.17 18.15
C LYS B 209 6.86 -14.52 16.89
N GLN B 210 6.39 -15.75 16.79
CA GLN B 210 5.52 -16.15 15.68
C GLN B 210 4.10 -16.57 16.08
O1 MES C . -14.37 19.66 -10.73
C2 MES C . -15.23 20.37 -9.87
C3 MES C . -16.01 19.30 -9.11
N4 MES C . -16.57 18.35 -10.10
C5 MES C . -16.47 18.63 -11.53
C6 MES C . -15.05 19.11 -11.85
C7 MES C . -17.18 17.11 -9.64
C8 MES C . -18.66 17.40 -9.32
S MES C . -19.19 16.60 -7.93
O1S MES C . -19.59 17.68 -6.98
O2S MES C . -18.14 15.70 -7.37
O3S MES C . -20.40 15.79 -8.21
RU11 RUC D . -0.26 0.54 7.56
C29 RUC D . -2.44 0.70 7.06
C30 RUC D . -1.81 1.82 6.56
C31 RUC D . -0.75 1.70 5.70
C26 RUC D . -0.29 0.47 5.33
C27 RUC D . -0.94 -0.65 5.79
C28 RUC D . -2.01 -0.53 6.66
N1 GSH E . -7.47 0.49 3.73
CA1 GSH E . -8.04 1.82 3.66
C1 GSH E . -7.83 2.40 2.26
O11 GSH E . -6.70 2.80 1.94
O12 GSH E . -8.77 2.54 1.44
CB1 GSH E . -9.50 1.59 3.88
CG1 GSH E . -10.19 2.89 4.18
CD1 GSH E . -10.47 2.99 5.68
OE1 GSH E . -9.43 2.74 6.57
N2 GSH E . -11.69 3.38 6.00
CA2 GSH E . -12.16 3.86 7.29
C2 GSH E . -13.51 3.27 7.54
O2 GSH E . -14.27 2.81 6.44
CB2 GSH E . -12.25 5.39 7.36
SG2 GSH E . -10.96 6.28 6.43
N3 GSH E . -14.01 3.21 8.79
CA3 GSH E . -15.18 2.40 9.05
C3 GSH E . -14.79 1.09 9.67
O31 GSH E . -13.60 0.78 9.96
O32 GSH E . -15.68 0.24 9.90
O1 MES F . 20.15 -17.26 -2.77
C2 MES F . 18.80 -16.94 -3.07
C3 MES F . 18.26 -18.00 -4.03
N4 MES F . 18.55 -19.33 -3.46
C5 MES F . 19.81 -19.63 -2.79
C6 MES F . 20.17 -18.42 -1.94
C7 MES F . 17.61 -20.46 -3.56
C8 MES F . 16.50 -20.21 -4.59
S MES F . 15.77 -21.67 -4.99
O1S MES F . 16.71 -22.50 -5.79
O2S MES F . 15.38 -22.43 -3.78
O3S MES F . 14.61 -21.39 -5.86
N1 GSH G . 7.26 0.14 3.96
CA1 GSH G . 7.89 -1.07 4.40
C1 GSH G . 7.96 -1.99 3.21
O11 GSH G . 9.01 -2.31 2.62
O12 GSH G . 6.90 -2.47 2.79
CB1 GSH G . 9.22 -0.77 5.06
CG1 GSH G . 9.78 -2.03 5.73
CD1 GSH G . 10.12 -1.87 7.20
OE1 GSH G . 9.10 -1.77 8.15
N2 GSH G . 11.40 -1.90 7.52
CA2 GSH G . 11.92 -2.45 8.77
C2 GSH G . 13.24 -1.83 9.08
O2 GSH G . 14.17 -1.67 8.04
CB2 GSH G . 12.14 -3.98 8.72
SG2 GSH G . 10.79 -4.97 7.99
N3 GSH G . 13.49 -1.47 10.33
CA3 GSH G . 14.82 -1.02 10.76
C3 GSH G . 14.89 0.47 10.98
O31 GSH G . 15.98 1.02 11.27
O32 GSH G . 13.88 1.19 10.89
#